data_7L6Y
#
_entry.id   7L6Y
#
_cell.length_a   68.251
_cell.length_b   50.532
_cell.length_c   106.977
_cell.angle_alpha   90.000
_cell.angle_beta   92.320
_cell.angle_gamma   90.000
#
_symmetry.space_group_name_H-M   'C 1 2 1'
#
loop_
_entity.id
_entity.type
_entity.pdbx_description
1 polymer 'Peptidyl-prolyl cis-trans isomerase'
2 water water
#
_entity_poly.entity_id   1
_entity_poly.type   'polypeptide(L)'
_entity_poly.pdbx_seq_one_letter_code
;SNADASQFPQLTKEVGKEEAKVV(MSE)RTSQGDITLKLFPKYAPLAVENFLTHAKKGYYDNLTFHRVINDF(MSE)IQS
GDPKGDGTGGESIWKGKDPKKDAGNGFVNEISPFLYHIRGALA(MSE)ANAGANTNGSQFYINQNKKNQSKGLSSTNYPK
PIISAYEHGGNPSLDGGYTVFGQVIDG(MSE)DVVDKIAATSINQNDKPEQDITITSIDIVKDYRFKN
;
_entity_poly.pdbx_strand_id   A,B
#
# COMPACT_ATOMS: atom_id res chain seq x y z
N ASP A 4 -11.25 31.58 -4.93
CA ASP A 4 -9.89 31.19 -5.43
C ASP A 4 -9.98 29.79 -6.03
N ALA A 5 -9.67 29.67 -7.33
CA ALA A 5 -9.74 28.38 -8.07
C ALA A 5 -8.78 27.34 -7.47
N SER A 6 -7.67 27.77 -6.84
CA SER A 6 -6.67 26.82 -6.28
C SER A 6 -7.24 25.95 -5.15
N GLN A 7 -8.31 26.40 -4.48
CA GLN A 7 -8.98 25.62 -3.39
C GLN A 7 -9.73 24.41 -3.99
N PHE A 8 -9.94 24.41 -5.30
CA PHE A 8 -10.70 23.35 -6.03
C PHE A 8 -9.70 22.60 -6.90
N PRO A 9 -9.14 21.47 -6.39
CA PRO A 9 -8.01 20.83 -7.07
C PRO A 9 -8.37 20.20 -8.43
N GLN A 10 -9.65 20.03 -8.73
CA GLN A 10 -10.04 19.52 -10.07
C GLN A 10 -9.81 20.58 -11.16
N LEU A 11 -9.55 21.84 -10.80
CA LEU A 11 -9.50 22.93 -11.81
C LEU A 11 -8.09 23.13 -12.37
N THR A 12 -7.12 22.31 -11.97
CA THR A 12 -5.76 22.34 -12.56
C THR A 12 -5.35 20.92 -12.93
N LYS A 13 -4.65 20.77 -14.06
CA LYS A 13 -4.15 19.45 -14.52
CA LYS A 13 -4.14 19.46 -14.54
C LYS A 13 -2.87 19.08 -13.76
N GLU A 14 -2.25 20.05 -13.08
CA GLU A 14 -1.01 19.78 -12.32
C GLU A 14 -1.32 18.80 -11.18
N VAL A 15 -0.46 17.79 -11.02
CA VAL A 15 -0.62 16.82 -9.92
C VAL A 15 0.06 17.40 -8.68
N GLY A 16 -0.73 17.75 -7.67
CA GLY A 16 -0.24 18.37 -6.42
C GLY A 16 0.56 17.40 -5.56
N LYS A 17 1.29 17.93 -4.58
CA LYS A 17 2.11 17.11 -3.65
C LYS A 17 1.27 15.98 -3.05
N GLU A 18 0.04 16.27 -2.62
CA GLU A 18 -0.80 15.26 -1.92
C GLU A 18 -1.81 14.64 -2.89
N GLU A 19 -1.46 14.55 -4.18
CA GLU A 19 -2.34 13.90 -5.18
C GLU A 19 -1.61 12.71 -5.80
N ALA A 20 -2.38 11.70 -6.18
CA ALA A 20 -1.84 10.51 -6.85
C ALA A 20 -2.11 10.64 -8.35
N LYS A 21 -1.47 9.79 -9.14
CA LYS A 21 -1.63 9.86 -10.62
C LYS A 21 -1.62 8.45 -11.18
N VAL A 22 -2.61 8.14 -12.02
CA VAL A 22 -2.67 6.81 -12.67
C VAL A 22 -2.98 6.98 -14.15
N VAL A 23 -2.61 5.96 -14.93
CA VAL A 23 -3.00 5.90 -16.36
C VAL A 23 -3.85 4.65 -16.51
N ARG A 25 -5.42 2.37 -18.92
CA ARG A 25 -5.32 1.96 -20.31
C ARG A 25 -6.60 1.21 -20.69
N THR A 26 -7.29 1.67 -21.74
CA THR A 26 -8.56 1.04 -22.17
C THR A 26 -8.46 0.60 -23.63
N SER A 27 -9.43 -0.21 -24.05
CA SER A 27 -9.46 -0.67 -25.46
C SER A 27 -9.74 0.50 -26.40
N GLN A 28 -10.12 1.66 -25.86
CA GLN A 28 -10.39 2.86 -26.70
C GLN A 28 -9.33 3.94 -26.47
N GLY A 29 -8.28 3.66 -25.71
CA GLY A 29 -7.21 4.65 -25.46
C GLY A 29 -6.92 4.84 -23.99
N ASP A 30 -5.94 5.69 -23.69
CA ASP A 30 -5.45 5.89 -22.31
C ASP A 30 -6.11 7.11 -21.67
N ILE A 31 -6.56 6.94 -20.43
CA ILE A 31 -7.17 8.03 -19.61
C ILE A 31 -6.25 8.25 -18.41
N THR A 32 -5.69 9.45 -18.27
CA THR A 32 -4.81 9.79 -17.14
C THR A 32 -5.65 10.54 -16.11
N LEU A 33 -5.58 10.07 -14.87
CA LEU A 33 -6.37 10.66 -13.77
C LEU A 33 -5.48 11.03 -12.61
N LYS A 34 -5.81 12.12 -11.95
CA LYS A 34 -5.19 12.39 -10.64
C LYS A 34 -6.26 12.07 -9.60
N LEU A 35 -5.80 11.71 -8.41
CA LEU A 35 -6.71 11.30 -7.30
C LEU A 35 -6.48 12.23 -6.12
N PHE A 36 -7.46 12.29 -5.22
CA PHE A 36 -7.48 13.29 -4.13
C PHE A 36 -7.51 12.62 -2.75
N PRO A 37 -6.41 12.01 -2.30
CA PRO A 37 -6.41 11.36 -0.99
C PRO A 37 -6.61 12.31 0.21
N LYS A 38 -6.41 13.60 0.01
CA LYS A 38 -6.60 14.62 1.08
CA LYS A 38 -6.59 14.57 1.13
C LYS A 38 -8.09 14.70 1.45
N TYR A 39 -8.96 14.41 0.48
CA TYR A 39 -10.42 14.63 0.68
C TYR A 39 -11.22 13.31 0.66
N ALA A 40 -10.70 12.28 0.00
CA ALA A 40 -11.42 11.00 -0.10
C ALA A 40 -10.42 9.87 0.07
N PRO A 41 -9.76 9.79 1.24
CA PRO A 41 -8.69 8.81 1.45
C PRO A 41 -9.15 7.36 1.29
N LEU A 42 -10.37 7.03 1.72
CA LEU A 42 -10.83 5.62 1.61
C LEU A 42 -11.02 5.27 0.13
N ALA A 43 -11.71 6.12 -0.61
CA ALA A 43 -11.93 5.81 -2.03
C ALA A 43 -10.58 5.74 -2.76
N VAL A 44 -9.64 6.64 -2.44
CA VAL A 44 -8.34 6.60 -3.15
C VAL A 44 -7.56 5.32 -2.76
N GLU A 45 -7.47 5.00 -1.47
CA GLU A 45 -6.73 3.77 -1.08
C GLU A 45 -7.38 2.54 -1.73
N ASN A 46 -8.70 2.46 -1.68
CA ASN A 46 -9.45 1.32 -2.24
C ASN A 46 -9.11 1.17 -3.72
N PHE A 47 -9.19 2.27 -4.44
CA PHE A 47 -8.99 2.23 -5.90
C PHE A 47 -7.53 1.90 -6.23
N LEU A 48 -6.57 2.54 -5.54
CA LEU A 48 -5.14 2.28 -5.86
C LEU A 48 -4.77 0.84 -5.50
N THR A 49 -5.29 0.33 -4.38
CA THR A 49 -4.94 -1.04 -3.94
C THR A 49 -5.51 -2.06 -4.93
N HIS A 50 -6.78 -1.92 -5.29
CA HIS A 50 -7.40 -2.79 -6.32
C HIS A 50 -6.61 -2.68 -7.63
N ALA A 51 -6.27 -1.46 -8.03
CA ALA A 51 -5.55 -1.26 -9.30
C ALA A 51 -4.22 -2.02 -9.25
N LYS A 52 -3.46 -1.84 -8.16
CA LYS A 52 -2.11 -2.45 -8.01
CA LYS A 52 -2.11 -2.45 -8.03
C LYS A 52 -2.20 -3.98 -8.05
N LYS A 53 -3.28 -4.55 -7.51
CA LYS A 53 -3.47 -6.03 -7.45
C LYS A 53 -4.11 -6.58 -8.73
N GLY A 54 -4.41 -5.73 -9.70
CA GLY A 54 -4.97 -6.18 -10.99
C GLY A 54 -6.47 -6.48 -10.95
N TYR A 55 -7.15 -6.05 -9.89
CA TYR A 55 -8.60 -6.32 -9.72
C TYR A 55 -9.43 -5.74 -10.87
N TYR A 56 -8.95 -4.65 -11.47
CA TYR A 56 -9.73 -3.98 -12.54
C TYR A 56 -9.29 -4.47 -13.93
N ASP A 57 -8.27 -5.32 -14.00
CA ASP A 57 -7.75 -5.73 -15.32
C ASP A 57 -8.79 -6.54 -16.10
N ASN A 58 -9.01 -6.15 -17.36
N ASN A 58 -9.01 -6.10 -17.34
CA ASN A 58 -9.94 -6.80 -18.31
CA ASN A 58 -9.90 -6.78 -18.33
C ASN A 58 -11.39 -6.63 -17.88
C ASN A 58 -11.37 -6.54 -17.98
N LEU A 59 -11.68 -5.64 -17.04
CA LEU A 59 -13.11 -5.39 -16.71
C LEU A 59 -13.71 -4.53 -17.82
N THR A 60 -15.02 -4.66 -18.00
CA THR A 60 -15.73 -3.84 -19.00
C THR A 60 -16.24 -2.52 -18.41
N PHE A 61 -16.48 -1.56 -19.29
CA PHE A 61 -17.32 -0.40 -18.92
C PHE A 61 -18.75 -0.93 -19.06
N HIS A 62 -19.33 -1.39 -17.94
CA HIS A 62 -20.65 -2.05 -18.02
C HIS A 62 -21.80 -1.07 -18.11
N ARG A 63 -21.54 0.23 -17.90
CA ARG A 63 -22.61 1.25 -18.12
C ARG A 63 -21.96 2.38 -18.91
N VAL A 64 -22.51 2.65 -20.07
CA VAL A 64 -22.01 3.73 -20.97
C VAL A 64 -23.21 4.54 -21.40
N ILE A 65 -23.35 5.76 -20.87
CA ILE A 65 -24.55 6.59 -21.19
C ILE A 65 -24.09 7.95 -21.67
N ASN A 66 -24.27 8.19 -22.97
CA ASN A 66 -23.81 9.47 -23.57
C ASN A 66 -24.40 10.65 -22.80
N ASP A 67 -23.57 11.66 -22.61
CA ASP A 67 -23.93 12.92 -21.94
C ASP A 67 -24.22 12.67 -20.45
N PHE A 68 -23.69 11.59 -19.91
CA PHE A 68 -23.92 11.29 -18.48
C PHE A 68 -22.61 10.80 -17.90
N ILE A 70 -19.59 7.10 -17.77
CA ILE A 70 -19.15 5.77 -18.13
C ILE A 70 -18.76 5.12 -16.79
N GLN A 71 -19.07 3.83 -16.62
CA GLN A 71 -18.88 3.16 -15.31
CA GLN A 71 -18.92 3.15 -15.31
C GLN A 71 -18.24 1.78 -15.48
N SER A 72 -17.34 1.47 -14.57
CA SER A 72 -16.63 0.16 -14.58
C SER A 72 -16.40 -0.30 -13.13
N GLY A 73 -15.52 -1.28 -12.98
CA GLY A 73 -15.13 -1.78 -11.65
C GLY A 73 -15.99 -2.91 -11.12
N ASP A 74 -16.82 -3.55 -11.95
CA ASP A 74 -17.67 -4.66 -11.47
C ASP A 74 -17.18 -5.99 -12.05
N PRO A 75 -16.57 -6.89 -11.25
CA PRO A 75 -16.16 -8.21 -11.74
C PRO A 75 -17.31 -9.01 -12.35
N LYS A 76 -18.56 -8.72 -11.97
CA LYS A 76 -19.77 -9.44 -12.46
C LYS A 76 -20.24 -8.85 -13.80
N GLY A 77 -19.76 -7.65 -14.14
CA GLY A 77 -20.03 -7.04 -15.47
C GLY A 77 -21.46 -6.54 -15.65
N ASP A 78 -22.25 -6.38 -14.58
CA ASP A 78 -23.69 -5.98 -14.76
C ASP A 78 -24.12 -4.96 -13.70
N GLY A 79 -23.19 -4.48 -12.87
CA GLY A 79 -23.52 -3.49 -11.82
C GLY A 79 -23.91 -4.11 -10.49
N THR A 80 -24.06 -5.43 -10.40
CA THR A 80 -24.48 -6.06 -9.13
C THR A 80 -23.28 -6.48 -8.25
N GLY A 81 -22.05 -6.40 -8.76
CA GLY A 81 -20.90 -6.96 -8.04
C GLY A 81 -19.85 -5.96 -7.61
N GLY A 82 -18.70 -6.47 -7.23
CA GLY A 82 -17.58 -5.66 -6.74
C GLY A 82 -17.62 -5.54 -5.23
N GLU A 83 -16.47 -5.30 -4.64
CA GLU A 83 -16.37 -5.10 -3.17
C GLU A 83 -15.15 -4.26 -2.89
N SER A 84 -15.15 -3.62 -1.72
CA SER A 84 -13.98 -2.86 -1.27
C SER A 84 -12.84 -3.82 -0.88
N ILE A 85 -11.66 -3.26 -0.73
CA ILE A 85 -10.47 -4.03 -0.29
C ILE A 85 -10.61 -4.42 1.19
N TRP A 86 -11.61 -3.88 1.90
CA TRP A 86 -11.77 -4.17 3.35
C TRP A 86 -12.92 -5.16 3.63
N LYS A 87 -13.72 -5.48 2.62
CA LYS A 87 -14.88 -6.37 2.84
C LYS A 87 -14.39 -7.72 3.37
N GLY A 88 -14.93 -8.13 4.52
CA GLY A 88 -14.55 -9.41 5.13
C GLY A 88 -13.23 -9.37 5.85
N LYS A 89 -12.61 -8.19 5.97
CA LYS A 89 -11.24 -8.06 6.51
C LYS A 89 -11.14 -6.99 7.60
N ASP A 90 -11.78 -5.83 7.43
CA ASP A 90 -11.61 -4.73 8.41
C ASP A 90 -12.95 -4.05 8.61
N PRO A 91 -13.73 -4.43 9.64
CA PRO A 91 -15.06 -3.84 9.83
C PRO A 91 -15.01 -2.35 10.21
N LYS A 92 -13.83 -1.84 10.56
CA LYS A 92 -13.68 -0.37 10.83
C LYS A 92 -13.92 0.39 9.52
N LYS A 93 -13.65 -0.27 8.40
CA LYS A 93 -13.74 0.40 7.08
C LYS A 93 -14.90 -0.17 6.26
N ASP A 94 -15.20 -1.45 6.40
CA ASP A 94 -16.30 -2.06 5.61
C ASP A 94 -16.95 -3.13 6.49
N ALA A 95 -18.18 -2.87 6.94
CA ALA A 95 -18.93 -3.80 7.83
C ALA A 95 -19.54 -4.95 7.05
N GLY A 96 -19.45 -4.94 5.72
CA GLY A 96 -19.98 -6.02 4.87
C GLY A 96 -20.70 -5.53 3.63
N ASN A 97 -21.08 -4.25 3.60
CA ASN A 97 -21.89 -3.72 2.46
C ASN A 97 -21.15 -2.58 1.77
N GLY A 98 -19.90 -2.29 2.15
CA GLY A 98 -19.16 -1.20 1.52
C GLY A 98 -18.68 -0.15 2.52
N PHE A 99 -17.93 0.84 2.03
CA PHE A 99 -17.37 1.87 2.92
C PHE A 99 -18.17 3.16 2.77
N VAL A 100 -17.93 4.09 3.69
CA VAL A 100 -18.72 5.34 3.78
C VAL A 100 -18.44 6.27 2.59
N ASN A 101 -19.46 7.06 2.24
CA ASN A 101 -19.27 8.18 1.29
C ASN A 101 -18.29 9.17 1.93
N GLU A 102 -17.56 9.88 1.06
CA GLU A 102 -16.62 10.93 1.50
C GLU A 102 -16.97 12.16 0.66
N ILE A 103 -17.89 12.99 1.16
CA ILE A 103 -18.37 14.21 0.46
C ILE A 103 -17.45 15.36 0.89
N SER A 104 -17.04 16.17 -0.07
CA SER A 104 -16.12 17.30 0.16
C SER A 104 -16.69 18.56 -0.44
N PRO A 105 -16.64 19.71 0.26
CA PRO A 105 -17.06 20.97 -0.35
C PRO A 105 -16.08 21.45 -1.43
N PHE A 106 -14.97 20.71 -1.62
CA PHE A 106 -13.94 21.08 -2.62
C PHE A 106 -14.00 20.21 -3.87
N LEU A 107 -14.87 19.20 -3.92
CA LEU A 107 -14.91 18.24 -5.07
C LEU A 107 -16.33 18.09 -5.59
N TYR A 108 -16.49 18.12 -6.91
CA TYR A 108 -17.82 18.17 -7.55
C TYR A 108 -17.85 17.27 -8.80
N HIS A 109 -19.07 16.92 -9.21
CA HIS A 109 -19.33 16.08 -10.40
C HIS A 109 -19.21 16.89 -11.71
N ILE A 110 -18.18 17.71 -11.81
CA ILE A 110 -17.94 18.40 -13.12
C ILE A 110 -17.47 17.34 -14.13
N ARG A 111 -17.56 17.68 -15.40
CA ARG A 111 -17.08 16.82 -16.49
C ARG A 111 -15.63 16.41 -16.19
N GLY A 112 -15.33 15.12 -16.27
CA GLY A 112 -13.99 14.58 -16.00
C GLY A 112 -13.84 14.09 -14.57
N ALA A 113 -14.81 14.36 -13.69
CA ALA A 113 -14.68 13.90 -12.29
C ALA A 113 -14.81 12.38 -12.21
N LEU A 114 -13.93 11.77 -11.43
CA LEU A 114 -13.94 10.32 -11.11
C LEU A 114 -14.67 10.14 -9.77
N ALA A 115 -15.68 9.28 -9.74
CA ALA A 115 -16.52 9.13 -8.54
C ALA A 115 -16.81 7.66 -8.28
N ALA A 117 -19.52 4.76 -7.58
CA ALA A 117 -20.91 4.36 -7.63
C ALA A 117 -21.32 3.76 -6.26
N ASN A 118 -22.60 3.82 -5.94
CA ASN A 118 -23.08 3.21 -4.67
C ASN A 118 -24.53 2.80 -4.88
N ALA A 119 -25.00 1.86 -4.06
CA ALA A 119 -26.40 1.36 -4.07
C ALA A 119 -27.07 1.90 -2.81
N GLY A 120 -26.68 3.13 -2.45
CA GLY A 120 -27.17 3.80 -1.24
C GLY A 120 -26.00 4.42 -0.52
N ALA A 121 -26.24 5.51 0.20
CA ALA A 121 -25.15 6.16 0.94
C ALA A 121 -24.37 5.10 1.74
N ASN A 122 -23.05 5.12 1.61
CA ASN A 122 -22.14 4.30 2.45
C ASN A 122 -22.11 2.82 2.04
N THR A 123 -22.32 2.50 0.76
CA THR A 123 -22.23 1.14 0.18
C THR A 123 -21.17 1.12 -0.93
N ASN A 124 -20.14 1.94 -0.79
CA ASN A 124 -19.05 1.97 -1.80
C ASN A 124 -18.29 0.64 -1.82
N GLY A 125 -18.10 0.06 -2.99
CA GLY A 125 -17.39 -1.21 -3.13
C GLY A 125 -16.18 -1.06 -4.04
N SER A 126 -16.35 -1.37 -5.31
CA SER A 126 -15.24 -1.20 -6.29
C SER A 126 -15.69 -0.43 -7.53
N GLN A 127 -16.98 -0.22 -7.73
CA GLN A 127 -17.47 0.41 -8.98
C GLN A 127 -17.24 1.92 -8.96
N PHE A 128 -16.75 2.42 -10.09
CA PHE A 128 -16.42 3.85 -10.25
C PHE A 128 -16.97 4.33 -11.59
N TYR A 129 -17.15 5.65 -11.68
CA TYR A 129 -17.62 6.23 -12.96
C TYR A 129 -16.90 7.53 -13.22
N ILE A 130 -16.80 7.85 -14.50
CA ILE A 130 -16.26 9.16 -14.96
C ILE A 130 -17.42 9.98 -15.52
N ASN A 131 -17.58 11.18 -14.98
CA ASN A 131 -18.65 12.12 -15.43
C ASN A 131 -18.28 12.63 -16.82
N GLN A 132 -19.20 12.48 -17.77
CA GLN A 132 -18.88 12.83 -19.18
C GLN A 132 -19.79 13.93 -19.76
N ASN A 133 -20.89 14.24 -19.08
CA ASN A 133 -21.89 15.25 -19.53
C ASN A 133 -21.19 16.51 -20.06
N LYS A 134 -21.71 17.05 -21.16
CA LYS A 134 -21.16 18.26 -21.81
C LYS A 134 -22.18 19.42 -21.82
N LYS A 135 -23.31 19.29 -21.11
CA LYS A 135 -24.36 20.35 -21.09
C LYS A 135 -23.87 21.52 -20.23
N ASN A 136 -24.13 22.76 -20.67
CA ASN A 136 -23.84 23.93 -19.83
C ASN A 136 -24.75 23.85 -18.60
N GLN A 137 -24.20 23.51 -17.43
CA GLN A 137 -25.00 23.33 -16.19
C GLN A 137 -25.01 24.58 -15.29
N SER A 138 -24.29 25.63 -15.69
N SER A 138 -24.27 25.63 -15.66
CA SER A 138 -24.11 26.83 -14.81
CA SER A 138 -24.11 26.82 -14.78
C SER A 138 -25.44 27.45 -14.38
C SER A 138 -25.45 27.44 -14.37
N LYS A 139 -26.33 27.75 -15.34
CA LYS A 139 -27.61 28.47 -15.03
C LYS A 139 -28.53 27.64 -14.13
N GLY A 140 -28.52 26.31 -14.29
CA GLY A 140 -29.42 25.42 -13.54
C GLY A 140 -29.00 25.26 -12.09
N LEU A 141 -27.78 25.68 -11.74
CA LEU A 141 -27.28 25.47 -10.35
C LEU A 141 -27.92 26.47 -9.40
N SER A 142 -28.14 26.04 -8.15
CA SER A 142 -28.47 26.96 -7.05
C SER A 142 -27.15 27.69 -6.73
N SER A 143 -26.94 28.85 -7.34
CA SER A 143 -25.67 29.62 -7.24
C SER A 143 -25.24 29.79 -5.77
N THR A 144 -26.20 30.09 -4.90
CA THR A 144 -25.93 30.33 -3.45
C THR A 144 -25.16 29.14 -2.85
N ASN A 145 -25.38 27.94 -3.39
CA ASN A 145 -24.84 26.73 -2.76
C ASN A 145 -23.60 26.18 -3.49
N TYR A 146 -23.08 26.90 -4.48
CA TYR A 146 -21.88 26.44 -5.23
C TYR A 146 -20.80 27.52 -5.22
N PRO A 147 -19.52 27.16 -5.02
CA PRO A 147 -18.43 28.13 -5.14
C PRO A 147 -18.43 28.70 -6.56
N LYS A 148 -18.09 29.99 -6.68
N LYS A 148 -18.08 29.98 -6.69
CA LYS A 148 -18.03 30.68 -8.00
CA LYS A 148 -18.07 30.65 -8.02
C LYS A 148 -17.19 29.89 -9.00
C LYS A 148 -17.18 29.91 -9.02
N PRO A 149 -15.95 29.47 -8.65
CA PRO A 149 -15.10 28.76 -9.61
C PRO A 149 -15.74 27.48 -10.14
N ILE A 150 -16.60 26.87 -9.33
CA ILE A 150 -17.28 25.60 -9.71
C ILE A 150 -18.50 25.90 -10.58
N ILE A 151 -19.21 26.97 -10.28
CA ILE A 151 -20.31 27.41 -11.20
C ILE A 151 -19.71 27.60 -12.59
N SER A 152 -18.58 28.30 -12.65
CA SER A 152 -17.91 28.55 -13.96
C SER A 152 -17.49 27.21 -14.59
N ALA A 153 -16.87 26.33 -13.81
CA ALA A 153 -16.39 25.05 -14.39
C ALA A 153 -17.58 24.26 -14.96
N TYR A 154 -18.74 24.33 -14.30
CA TYR A 154 -19.93 23.58 -14.76
C TYR A 154 -20.45 24.06 -16.13
N GLU A 155 -19.93 25.19 -16.62
N GLU A 155 -19.91 25.16 -16.65
CA GLU A 155 -20.29 25.64 -17.99
CA GLU A 155 -20.37 25.62 -18.00
C GLU A 155 -19.97 24.53 -19.00
C GLU A 155 -19.88 24.62 -19.07
N HIS A 156 -18.93 23.75 -18.73
CA HIS A 156 -18.39 22.74 -19.68
C HIS A 156 -19.04 21.38 -19.49
N GLY A 157 -19.94 21.26 -18.53
CA GLY A 157 -20.66 19.99 -18.34
C GLY A 157 -20.47 19.37 -16.98
N GLY A 158 -21.38 18.48 -16.66
CA GLY A 158 -21.27 17.70 -15.41
C GLY A 158 -22.62 17.22 -14.96
N ASN A 159 -22.65 16.58 -13.81
CA ASN A 159 -23.87 15.97 -13.26
C ASN A 159 -24.09 16.51 -11.85
N PRO A 160 -24.53 17.79 -11.72
CA PRO A 160 -24.65 18.39 -10.40
C PRO A 160 -25.66 17.69 -9.48
N SER A 161 -26.61 16.96 -10.06
CA SER A 161 -27.61 16.23 -9.25
C SER A 161 -26.92 15.17 -8.38
N LEU A 162 -25.68 14.81 -8.69
CA LEU A 162 -24.94 13.76 -7.94
C LEU A 162 -24.12 14.38 -6.79
N ASP A 163 -23.92 15.68 -6.82
CA ASP A 163 -23.15 16.35 -5.74
C ASP A 163 -23.83 16.08 -4.39
N GLY A 164 -23.01 15.62 -3.43
CA GLY A 164 -23.46 15.34 -2.07
C GLY A 164 -23.96 13.91 -1.89
N GLY A 165 -24.21 13.19 -2.98
CA GLY A 165 -24.74 11.82 -2.90
C GLY A 165 -23.70 10.73 -3.18
N TYR A 166 -22.57 11.10 -3.77
CA TYR A 166 -21.56 10.12 -4.22
C TYR A 166 -20.17 10.71 -4.01
N THR A 167 -19.23 9.86 -3.64
CA THR A 167 -17.84 10.31 -3.44
C THR A 167 -17.18 10.67 -4.76
N VAL A 168 -16.66 11.88 -4.83
CA VAL A 168 -15.73 12.25 -5.93
C VAL A 168 -14.32 12.02 -5.39
N PHE A 169 -13.44 11.36 -6.17
CA PHE A 169 -12.08 11.09 -5.64
C PHE A 169 -10.99 11.27 -6.71
N GLY A 170 -11.34 11.71 -7.91
CA GLY A 170 -10.28 11.96 -8.89
C GLY A 170 -10.78 12.83 -10.02
N GLN A 171 -9.89 13.09 -10.98
CA GLN A 171 -10.21 13.95 -12.13
C GLN A 171 -9.39 13.49 -13.33
N VAL A 172 -10.04 13.41 -14.48
CA VAL A 172 -9.30 13.15 -15.74
C VAL A 172 -8.43 14.37 -16.07
N ILE A 173 -7.13 14.14 -16.28
CA ILE A 173 -6.19 15.23 -16.64
C ILE A 173 -5.63 15.03 -18.05
N ASP A 174 -5.88 13.89 -18.68
CA ASP A 174 -5.51 13.65 -20.10
C ASP A 174 -6.38 12.51 -20.59
N GLY A 175 -6.77 12.55 -21.85
CA GLY A 175 -7.57 11.48 -22.45
C GLY A 175 -9.09 11.66 -22.33
N ASP A 177 -10.79 12.87 -24.49
CA ASP A 177 -11.26 12.44 -25.79
C ASP A 177 -11.58 10.94 -25.79
N VAL A 178 -10.84 10.17 -25.01
CA VAL A 178 -11.11 8.70 -24.89
C VAL A 178 -12.46 8.51 -24.17
N VAL A 179 -12.67 9.23 -23.07
CA VAL A 179 -13.96 9.13 -22.34
C VAL A 179 -15.10 9.47 -23.30
N ASP A 180 -14.92 10.48 -24.15
CA ASP A 180 -15.99 10.87 -25.13
C ASP A 180 -16.16 9.78 -26.19
N LYS A 181 -15.08 9.16 -26.64
CA LYS A 181 -15.15 8.08 -27.65
C LYS A 181 -15.91 6.89 -27.06
N ILE A 182 -15.64 6.56 -25.80
CA ILE A 182 -16.39 5.45 -25.13
C ILE A 182 -17.87 5.86 -25.05
N ALA A 183 -18.15 7.07 -24.58
CA ALA A 183 -19.56 7.51 -24.43
C ALA A 183 -20.28 7.49 -25.80
N ALA A 184 -19.56 7.83 -26.87
CA ALA A 184 -20.15 7.90 -28.23
C ALA A 184 -20.74 6.55 -28.66
N THR A 185 -20.25 5.44 -28.12
CA THR A 185 -20.75 4.09 -28.53
C THR A 185 -22.22 3.91 -28.14
N SER A 186 -22.75 4.74 -27.24
CA SER A 186 -24.19 4.61 -26.82
C SER A 186 -25.09 5.34 -27.83
N ILE A 187 -24.53 6.21 -28.67
CA ILE A 187 -25.28 7.01 -29.68
C ILE A 187 -25.57 6.11 -30.90
N ASN A 188 -26.84 6.04 -31.32
CA ASN A 188 -27.26 5.20 -32.47
C ASN A 188 -26.63 3.81 -32.35
N GLN A 189 -26.59 3.26 -31.15
CA GLN A 189 -25.98 1.93 -30.89
C GLN A 189 -26.71 0.86 -31.71
N ASN A 190 -27.96 1.13 -32.12
CA ASN A 190 -28.78 0.19 -32.93
C ASN A 190 -28.19 0.04 -34.35
N ASP A 191 -27.30 0.94 -34.76
CA ASP A 191 -26.71 0.92 -36.13
C ASP A 191 -25.19 0.71 -36.07
N LYS A 192 -24.64 0.47 -34.88
CA LYS A 192 -23.17 0.29 -34.70
C LYS A 192 -22.84 -1.13 -34.30
N PRO A 193 -21.61 -1.63 -34.58
CA PRO A 193 -21.22 -2.98 -34.22
C PRO A 193 -21.24 -3.18 -32.70
N GLU A 194 -21.56 -4.40 -32.26
CA GLU A 194 -21.50 -4.71 -30.82
C GLU A 194 -20.06 -4.47 -30.38
N GLN A 195 -19.86 -3.90 -29.20
CA GLN A 195 -18.50 -3.56 -28.71
C GLN A 195 -18.47 -3.58 -27.18
N ASP A 196 -17.58 -4.40 -26.63
CA ASP A 196 -17.34 -4.42 -25.17
C ASP A 196 -16.06 -3.60 -24.96
N ILE A 197 -16.17 -2.47 -24.27
CA ILE A 197 -14.98 -1.61 -23.99
C ILE A 197 -14.39 -2.06 -22.66
N THR A 198 -13.08 -2.32 -22.64
CA THR A 198 -12.43 -2.86 -21.43
C THR A 198 -11.26 -2.02 -20.94
N ILE A 199 -11.00 -2.16 -19.65
CA ILE A 199 -9.75 -1.65 -19.03
C ILE A 199 -8.70 -2.72 -19.25
N THR A 200 -7.60 -2.35 -19.89
CA THR A 200 -6.47 -3.29 -20.11
C THR A 200 -5.68 -3.41 -18.81
N SER A 201 -5.34 -2.26 -18.25
CA SER A 201 -4.48 -2.17 -17.06
C SER A 201 -4.57 -0.76 -16.50
N ILE A 202 -4.11 -0.58 -15.26
CA ILE A 202 -4.02 0.74 -14.60
C ILE A 202 -2.60 0.86 -14.08
N ASP A 203 -1.84 1.80 -14.63
CA ASP A 203 -0.43 2.06 -14.27
C ASP A 203 -0.42 3.12 -13.16
N ILE A 204 0.15 2.81 -12.00
CA ILE A 204 0.25 3.84 -10.94
C ILE A 204 1.54 4.63 -11.18
N VAL A 205 1.39 5.85 -11.67
CA VAL A 205 2.56 6.72 -11.98
C VAL A 205 3.04 7.36 -10.68
N LYS A 206 2.10 7.87 -9.88
CA LYS A 206 2.44 8.44 -8.56
C LYS A 206 1.49 7.81 -7.55
N ASP A 207 2.05 6.97 -6.70
CA ASP A 207 1.24 6.25 -5.71
C ASP A 207 0.97 7.18 -4.53
N TYR A 208 0.11 6.69 -3.65
N TYR A 208 0.11 6.74 -3.61
CA TYR A 208 -0.20 7.38 -2.40
CA TYR A 208 -0.16 7.50 -2.36
C TYR A 208 -0.54 6.30 -1.38
C TYR A 208 -0.69 6.52 -1.33
N ARG A 209 -0.05 6.47 -0.16
CA ARG A 209 -0.40 5.47 0.87
C ARG A 209 -0.91 6.16 2.13
N PHE A 210 -1.58 5.37 2.95
CA PHE A 210 -2.33 5.91 4.11
C PHE A 210 -1.87 5.26 5.40
N LYS A 211 -1.88 6.07 6.45
CA LYS A 211 -1.50 5.68 7.83
C LYS A 211 -2.74 5.22 8.60
N ASN A 212 -2.54 4.33 9.57
CA ASN A 212 -3.63 3.85 10.46
C ASN A 212 -3.49 4.58 11.79
N ASP B 4 29.63 -17.52 26.48
CA ASP B 4 28.66 -16.85 27.39
C ASP B 4 27.48 -16.36 26.56
N ALA B 5 26.28 -16.86 26.84
CA ALA B 5 25.05 -16.51 26.08
C ALA B 5 24.75 -15.01 26.15
N SER B 6 25.18 -14.33 27.23
CA SER B 6 24.87 -12.88 27.43
C SER B 6 25.55 -11.99 26.37
N GLN B 7 26.53 -12.52 25.65
N GLN B 7 26.55 -12.51 25.65
CA GLN B 7 27.24 -11.75 24.58
CA GLN B 7 27.23 -11.71 24.58
C GLN B 7 26.37 -11.69 23.32
C GLN B 7 26.36 -11.68 23.33
N PHE B 8 25.36 -12.55 23.26
CA PHE B 8 24.46 -12.67 22.08
C PHE B 8 23.08 -12.21 22.51
N PRO B 9 22.71 -10.93 22.23
CA PRO B 9 21.48 -10.39 22.80
C PRO B 9 20.19 -11.02 22.27
N GLN B 10 20.26 -11.81 21.19
CA GLN B 10 19.05 -12.47 20.67
C GLN B 10 18.66 -13.62 21.61
N LEU B 11 19.55 -14.02 22.53
CA LEU B 11 19.32 -15.26 23.32
C LEU B 11 18.57 -14.97 24.62
N THR B 12 18.15 -13.73 24.83
CA THR B 12 17.26 -13.40 25.98
C THR B 12 16.09 -12.54 25.49
N LYS B 13 14.92 -12.77 26.05
CA LYS B 13 13.72 -11.96 25.70
C LYS B 13 13.75 -10.62 26.43
N GLU B 14 14.57 -10.50 27.47
N GLU B 14 14.60 -10.50 27.46
CA GLU B 14 14.65 -9.23 28.23
CA GLU B 14 14.72 -9.24 28.22
C GLU B 14 15.15 -8.12 27.30
C GLU B 14 15.15 -8.11 27.28
N VAL B 15 14.49 -6.96 27.35
CA VAL B 15 14.89 -5.79 26.53
C VAL B 15 15.99 -5.06 27.30
N GLY B 16 17.20 -5.05 26.73
CA GLY B 16 18.36 -4.43 27.38
C GLY B 16 18.29 -2.92 27.38
N LYS B 17 19.17 -2.29 28.16
CA LYS B 17 19.23 -0.82 28.28
C LYS B 17 19.35 -0.17 26.89
N GLU B 18 20.18 -0.74 26.02
CA GLU B 18 20.46 -0.16 24.69
C GLU B 18 19.64 -0.86 23.60
N GLU B 19 18.51 -1.46 23.96
CA GLU B 19 17.64 -2.11 22.96
C GLU B 19 16.32 -1.33 22.87
N ALA B 20 15.71 -1.35 21.69
CA ALA B 20 14.39 -0.72 21.47
C ALA B 20 13.33 -1.83 21.40
N LYS B 21 12.06 -1.46 21.50
CA LYS B 21 10.97 -2.47 21.53
C LYS B 21 9.78 -1.94 20.74
N VAL B 22 9.26 -2.77 19.87
CA VAL B 22 8.08 -2.39 19.04
C VAL B 22 7.07 -3.54 19.05
N VAL B 23 5.82 -3.21 18.77
CA VAL B 23 4.78 -4.23 18.54
C VAL B 23 4.28 -4.01 17.11
N ARG B 25 1.63 -4.94 14.68
CA ARG B 25 0.28 -5.47 14.62
C ARG B 25 -0.02 -5.87 13.17
N THR B 26 -0.41 -7.11 12.94
CA THR B 26 -0.71 -7.63 11.59
C THR B 26 -2.14 -8.16 11.53
N SER B 27 -2.60 -8.45 10.33
CA SER B 27 -3.94 -9.04 10.14
C SER B 27 -3.98 -10.47 10.69
N GLN B 28 -2.83 -11.05 11.06
CA GLN B 28 -2.82 -12.41 11.64
C GLN B 28 -2.40 -12.39 13.12
N GLY B 29 -2.26 -11.20 13.72
CA GLY B 29 -1.90 -11.08 15.13
C GLY B 29 -0.70 -10.18 15.37
N ASP B 30 -0.31 -10.05 16.62
CA ASP B 30 0.75 -9.09 17.05
C ASP B 30 2.10 -9.77 17.26
N ILE B 31 3.14 -9.18 16.68
CA ILE B 31 4.54 -9.67 16.81
C ILE B 31 5.32 -8.62 17.59
N THR B 32 5.89 -8.99 18.72
CA THR B 32 6.70 -8.06 19.53
C THR B 32 8.17 -8.29 19.22
N LEU B 33 8.88 -7.21 18.91
CA LEU B 33 10.30 -7.34 18.54
C LEU B 33 11.16 -6.40 19.37
N LYS B 34 12.33 -6.87 19.75
CA LYS B 34 13.32 -5.92 20.27
C LYS B 34 14.35 -5.64 19.16
N LEU B 35 14.94 -4.46 19.20
CA LEU B 35 15.88 -4.00 18.15
C LEU B 35 17.26 -3.73 18.75
N PHE B 36 18.29 -3.76 17.91
CA PHE B 36 19.69 -3.70 18.38
C PHE B 36 20.43 -2.50 17.81
N PRO B 37 20.11 -1.26 18.23
CA PRO B 37 20.79 -0.08 17.71
C PRO B 37 22.29 0.01 18.06
N LYS B 38 22.73 -0.71 19.10
CA LYS B 38 24.18 -0.75 19.49
C LYS B 38 25.00 -1.39 18.36
N TYR B 39 24.39 -2.26 17.55
CA TYR B 39 25.12 -3.05 16.53
C TYR B 39 24.71 -2.66 15.10
N ALA B 40 23.47 -2.22 14.93
CA ALA B 40 22.94 -1.87 13.59
C ALA B 40 22.16 -0.56 13.70
N PRO B 41 22.82 0.55 14.06
CA PRO B 41 22.10 1.81 14.27
C PRO B 41 21.36 2.37 13.05
N LEU B 42 21.92 2.19 11.85
N LEU B 42 21.92 2.18 11.84
CA LEU B 42 21.25 2.68 10.62
CA LEU B 42 21.25 2.70 10.61
C LEU B 42 19.97 1.88 10.42
C LEU B 42 19.98 1.88 10.36
N ALA B 43 20.06 0.56 10.45
CA ALA B 43 18.85 -0.24 10.22
C ALA B 43 17.80 0.09 11.28
N VAL B 44 18.22 0.27 12.52
CA VAL B 44 17.20 0.50 13.58
C VAL B 44 16.60 1.90 13.40
N GLU B 45 17.42 2.90 13.13
CA GLU B 45 16.85 4.26 12.96
C GLU B 45 15.89 4.28 11.76
N ASN B 46 16.31 3.69 10.64
CA ASN B 46 15.48 3.64 9.43
C ASN B 46 14.14 2.96 9.76
N PHE B 47 14.20 1.84 10.46
CA PHE B 47 12.96 1.06 10.75
C PHE B 47 12.06 1.83 11.71
N LEU B 48 12.62 2.39 12.80
CA LEU B 48 11.81 3.10 13.81
C LEU B 48 11.19 4.35 13.18
N THR B 49 11.95 5.03 12.33
CA THR B 49 11.42 6.26 11.70
C THR B 49 10.29 5.91 10.73
N HIS B 50 10.53 4.96 9.84
CA HIS B 50 9.44 4.50 8.93
C HIS B 50 8.23 4.04 9.76
N ALA B 51 8.47 3.31 10.85
CA ALA B 51 7.35 2.79 11.67
C ALA B 51 6.51 3.96 12.20
N LYS B 52 7.18 4.93 12.84
N LYS B 52 7.17 4.91 12.88
CA LYS B 52 6.51 6.11 13.46
CA LYS B 52 6.51 6.11 13.43
C LYS B 52 5.80 6.98 12.40
C LYS B 52 5.73 6.86 12.35
N LYS B 53 6.35 7.07 11.20
CA LYS B 53 5.75 7.89 10.11
C LYS B 53 4.65 7.11 9.37
N GLY B 54 4.42 5.85 9.75
CA GLY B 54 3.34 5.04 9.15
C GLY B 54 3.68 4.51 7.77
N TYR B 55 4.96 4.50 7.43
CA TYR B 55 5.40 4.03 6.09
C TYR B 55 5.03 2.55 5.87
N TYR B 56 5.02 1.76 6.95
CA TYR B 56 4.74 0.31 6.81
C TYR B 56 3.25 -0.01 6.97
N ASP B 57 2.45 0.97 7.34
CA ASP B 57 1.00 0.71 7.58
C ASP B 57 0.34 0.24 6.28
N ASN B 58 -0.42 -0.84 6.39
CA ASN B 58 -1.23 -1.43 5.30
C ASN B 58 -0.37 -2.13 4.24
N LEU B 59 0.94 -2.26 4.47
CA LEU B 59 1.74 -3.02 3.48
C LEU B 59 1.50 -4.52 3.68
N THR B 60 1.62 -5.26 2.59
CA THR B 60 1.50 -6.72 2.65
C THR B 60 2.81 -7.38 3.05
N PHE B 61 2.73 -8.62 3.51
CA PHE B 61 3.91 -9.52 3.53
C PHE B 61 3.98 -10.06 2.11
N HIS B 62 4.81 -9.43 1.28
CA HIS B 62 4.81 -9.76 -0.17
C HIS B 62 5.63 -11.02 -0.46
N ARG B 63 6.33 -11.54 0.54
CA ARG B 63 7.02 -12.84 0.37
C ARG B 63 6.76 -13.64 1.65
N VAL B 64 6.13 -14.79 1.50
CA VAL B 64 5.78 -15.69 2.63
C VAL B 64 6.21 -17.07 2.20
N ILE B 65 7.27 -17.58 2.81
CA ILE B 65 7.81 -18.89 2.40
C ILE B 65 8.01 -19.73 3.66
N ASN B 66 7.17 -20.76 3.81
CA ASN B 66 7.23 -21.62 5.01
C ASN B 66 8.65 -22.19 5.12
N ASP B 67 9.09 -22.30 6.36
CA ASP B 67 10.42 -22.85 6.70
C ASP B 67 11.52 -21.95 6.15
N PHE B 68 11.22 -20.68 5.91
CA PHE B 68 12.27 -19.76 5.44
C PHE B 68 12.10 -18.41 6.12
N ILE B 70 9.33 -14.55 6.30
CA ILE B 70 8.25 -13.69 5.85
C ILE B 70 8.84 -12.29 5.67
N GLN B 71 8.44 -11.61 4.60
CA GLN B 71 9.08 -10.34 4.22
C GLN B 71 8.02 -9.28 3.90
N SER B 72 8.32 -8.07 4.33
CA SER B 72 7.41 -6.92 4.03
C SER B 72 8.24 -5.66 3.74
N GLY B 73 7.58 -4.51 3.79
CA GLY B 73 8.24 -3.21 3.64
C GLY B 73 8.32 -2.70 2.21
N ASP B 74 7.57 -3.27 1.26
CA ASP B 74 7.65 -2.80 -0.14
C ASP B 74 6.32 -2.22 -0.59
N PRO B 75 6.19 -0.89 -0.71
CA PRO B 75 4.98 -0.26 -1.25
C PRO B 75 4.55 -0.83 -2.61
N LYS B 76 5.49 -1.29 -3.45
CA LYS B 76 5.14 -1.82 -4.80
C LYS B 76 4.55 -3.24 -4.69
N GLY B 77 4.75 -3.90 -3.54
CA GLY B 77 4.17 -5.22 -3.25
C GLY B 77 4.77 -6.38 -4.02
N ASP B 78 5.94 -6.21 -4.64
CA ASP B 78 6.52 -7.30 -5.50
C ASP B 78 8.03 -7.44 -5.26
N GLY B 79 8.56 -6.73 -4.27
CA GLY B 79 10.01 -6.79 -3.93
C GLY B 79 10.86 -5.80 -4.72
N THR B 80 10.27 -5.06 -5.66
CA THR B 80 11.07 -4.13 -6.50
C THR B 80 11.17 -2.73 -5.89
N GLY B 81 10.44 -2.45 -4.80
CA GLY B 81 10.40 -1.08 -4.32
C GLY B 81 10.87 -0.88 -2.89
N GLY B 82 10.47 0.25 -2.32
CA GLY B 82 10.86 0.63 -0.97
C GLY B 82 12.12 1.45 -0.98
N GLU B 83 12.29 2.27 0.05
CA GLU B 83 13.51 3.11 0.10
C GLU B 83 13.77 3.49 1.54
N SER B 84 15.01 3.89 1.80
CA SER B 84 15.42 4.30 3.16
C SER B 84 14.86 5.67 3.47
N ILE B 85 14.91 6.06 4.74
CA ILE B 85 14.45 7.42 5.17
C ILE B 85 15.44 8.47 4.65
N TRP B 86 16.59 8.05 4.14
CA TRP B 86 17.64 9.01 3.69
C TRP B 86 17.73 9.12 2.16
N LYS B 87 17.04 8.26 1.42
CA LYS B 87 17.11 8.31 -0.06
C LYS B 87 16.65 9.70 -0.54
N GLY B 88 17.50 10.37 -1.33
CA GLY B 88 17.19 11.69 -1.89
C GLY B 88 17.24 12.80 -0.83
N LYS B 89 17.84 12.53 0.33
CA LYS B 89 17.89 13.50 1.46
C LYS B 89 19.30 13.63 2.05
N ASP B 90 19.96 12.50 2.36
CA ASP B 90 21.26 12.53 3.09
C ASP B 90 22.24 11.56 2.44
N PRO B 91 23.05 12.03 1.47
CA PRO B 91 24.04 11.18 0.80
C PRO B 91 25.06 10.45 1.70
N LYS B 92 25.31 10.98 2.91
N LYS B 92 25.27 10.98 2.92
CA LYS B 92 26.21 10.29 3.88
CA LYS B 92 26.20 10.37 3.90
C LYS B 92 25.62 8.92 4.25
C LYS B 92 25.62 9.05 4.44
N LYS B 93 24.30 8.83 4.28
CA LYS B 93 23.59 7.63 4.73
C LYS B 93 23.11 6.79 3.54
N ASP B 94 22.68 7.43 2.47
CA ASP B 94 22.12 6.72 1.29
C ASP B 94 22.51 7.52 0.06
N ALA B 95 23.43 6.97 -0.73
CA ALA B 95 23.93 7.67 -1.94
C ALA B 95 22.88 7.65 -3.06
N GLY B 96 21.78 6.91 -2.88
CA GLY B 96 20.68 6.81 -3.85
C GLY B 96 20.18 5.39 -4.06
N ASN B 97 20.93 4.37 -3.64
CA ASN B 97 20.53 2.95 -3.85
C ASN B 97 20.30 2.24 -2.52
N GLY B 98 20.43 2.94 -1.39
CA GLY B 98 20.23 2.34 -0.05
C GLY B 98 21.42 2.57 0.87
N PHE B 99 21.32 2.09 2.11
CA PHE B 99 22.40 2.29 3.10
C PHE B 99 23.19 0.98 3.30
N VAL B 100 24.32 1.12 3.99
CA VAL B 100 25.31 0.01 4.10
C VAL B 100 24.76 -1.11 4.98
N ASN B 101 25.25 -2.32 4.70
CA ASN B 101 25.04 -3.47 5.60
C ASN B 101 25.73 -3.18 6.93
N GLU B 102 25.19 -3.75 8.00
CA GLU B 102 25.79 -3.64 9.35
C GLU B 102 25.88 -5.06 9.91
N ILE B 103 26.99 -5.75 9.60
CA ILE B 103 27.21 -7.16 10.02
C ILE B 103 27.87 -7.15 11.40
N SER B 104 27.43 -8.02 12.29
CA SER B 104 27.93 -8.09 13.67
C SER B 104 28.28 -9.54 14.02
N PRO B 105 29.40 -9.79 14.72
CA PRO B 105 29.70 -11.14 15.17
C PRO B 105 28.78 -11.56 16.32
N PHE B 106 27.90 -10.65 16.77
CA PHE B 106 26.98 -10.96 17.90
C PHE B 106 25.54 -11.18 17.42
N LEU B 107 25.25 -11.06 16.12
CA LEU B 107 23.85 -11.18 15.64
C LEU B 107 23.82 -12.15 14.46
N TYR B 108 22.81 -13.02 14.45
CA TYR B 108 22.72 -14.14 13.48
C TYR B 108 21.28 -14.36 13.03
N HIS B 109 21.15 -15.02 11.89
CA HIS B 109 19.84 -15.39 11.29
C HIS B 109 19.21 -16.61 11.97
N ILE B 110 19.23 -16.63 13.28
CA ILE B 110 18.47 -17.67 14.01
C ILE B 110 16.97 -17.40 13.82
N ARG B 111 16.17 -18.41 14.06
CA ARG B 111 14.71 -18.26 14.02
C ARG B 111 14.32 -17.09 14.92
N GLY B 112 13.44 -16.23 14.41
CA GLY B 112 12.99 -15.03 15.12
C GLY B 112 13.80 -13.79 14.79
N ALA B 113 14.93 -13.95 14.10
CA ALA B 113 15.77 -12.76 13.78
C ALA B 113 15.08 -11.87 12.75
N LEU B 114 15.11 -10.56 13.02
CA LEU B 114 14.61 -9.51 12.09
C LEU B 114 15.80 -8.96 11.32
N ALA B 115 15.70 -8.93 10.00
CA ALA B 115 16.84 -8.58 9.14
C ALA B 115 16.35 -7.69 7.99
N ALA B 117 16.32 -6.94 4.00
CA ALA B 117 16.49 -7.45 2.66
C ALA B 117 17.39 -6.49 1.88
N ASN B 118 18.12 -6.99 0.91
CA ASN B 118 18.95 -6.10 0.07
C ASN B 118 19.03 -6.73 -1.32
N ALA B 119 19.38 -5.91 -2.31
CA ALA B 119 19.56 -6.32 -3.72
C ALA B 119 21.05 -6.24 -4.03
N GLY B 120 21.86 -6.61 -3.04
CA GLY B 120 23.32 -6.54 -3.09
C GLY B 120 23.80 -5.86 -1.83
N ALA B 121 25.03 -6.16 -1.41
CA ALA B 121 25.56 -5.54 -0.17
C ALA B 121 25.40 -4.02 -0.26
N ASN B 122 24.85 -3.42 0.80
CA ASN B 122 24.80 -1.93 0.94
C ASN B 122 23.71 -1.29 0.06
N THR B 123 22.59 -1.98 -0.20
CA THR B 123 21.39 -1.46 -0.93
C THR B 123 20.16 -1.59 -0.01
N ASN B 124 20.36 -1.44 1.28
CA ASN B 124 19.25 -1.51 2.27
C ASN B 124 18.29 -0.34 2.04
N GLY B 125 17.00 -0.63 1.95
CA GLY B 125 15.98 0.41 1.73
C GLY B 125 14.97 0.36 2.85
N SER B 126 13.87 -0.35 2.62
CA SER B 126 12.81 -0.44 3.65
C SER B 126 12.36 -1.89 3.87
N GLN B 127 12.73 -2.80 2.97
CA GLN B 127 12.24 -4.19 3.07
C GLN B 127 12.96 -4.94 4.19
N PHE B 128 12.19 -5.65 5.00
CA PHE B 128 12.73 -6.42 6.14
C PHE B 128 12.05 -7.78 6.13
N TYR B 129 12.71 -8.73 6.78
CA TYR B 129 12.13 -10.08 6.90
C TYR B 129 12.38 -10.62 8.30
N ILE B 130 11.51 -11.57 8.66
CA ILE B 130 11.65 -12.33 9.91
C ILE B 130 12.01 -13.77 9.53
N ASN B 131 13.11 -14.25 10.07
CA ASN B 131 13.56 -15.63 9.83
C ASN B 131 12.64 -16.60 10.58
N GLN B 132 12.09 -17.57 9.85
CA GLN B 132 11.04 -18.45 10.43
C GLN B 132 11.43 -19.92 10.42
N ASN B 133 12.44 -20.28 9.66
CA ASN B 133 12.92 -21.68 9.54
C ASN B 133 12.99 -22.38 10.90
N LYS B 134 12.51 -23.63 10.93
CA LYS B 134 12.49 -24.45 12.17
C LYS B 134 13.39 -25.69 12.06
N LYS B 135 14.18 -25.81 10.99
CA LYS B 135 15.07 -27.00 10.80
C LYS B 135 16.23 -26.95 11.79
N ASN B 136 16.61 -28.09 12.34
CA ASN B 136 17.84 -28.12 13.16
C ASN B 136 19.05 -27.85 12.26
N GLN B 137 19.62 -26.66 12.38
CA GLN B 137 20.74 -26.24 11.50
C GLN B 137 22.12 -26.47 12.13
N SER B 138 22.16 -26.97 13.37
N SER B 138 22.18 -26.93 13.37
CA SER B 138 23.43 -27.04 14.15
CA SER B 138 23.45 -27.00 14.13
C SER B 138 24.54 -27.83 13.45
C SER B 138 24.54 -27.82 13.43
N LYS B 139 24.25 -29.06 13.02
CA LYS B 139 25.29 -29.94 12.43
C LYS B 139 25.74 -29.45 11.05
N GLY B 140 24.85 -28.81 10.30
CA GLY B 140 25.20 -28.34 8.95
C GLY B 140 26.11 -27.13 8.99
N LEU B 141 26.25 -26.51 10.17
CA LEU B 141 27.07 -25.26 10.28
C LEU B 141 28.55 -25.60 10.19
N SER B 142 29.33 -24.63 9.73
CA SER B 142 30.81 -24.70 9.89
C SER B 142 31.05 -24.32 11.34
N SER B 143 31.17 -25.31 12.23
CA SER B 143 31.25 -25.10 13.70
C SER B 143 32.35 -24.10 14.05
N THR B 144 33.47 -24.18 13.35
CA THR B 144 34.63 -23.33 13.70
C THR B 144 34.27 -21.85 13.59
N ASN B 145 33.29 -21.52 12.74
CA ASN B 145 32.98 -20.11 12.41
C ASN B 145 31.77 -19.59 13.19
N TYR B 146 31.27 -20.35 14.17
CA TYR B 146 30.08 -19.92 14.95
C TYR B 146 30.34 -20.04 16.45
N PRO B 147 29.94 -19.03 17.25
CA PRO B 147 30.03 -19.13 18.71
C PRO B 147 29.20 -20.31 19.22
N LYS B 148 29.67 -20.97 20.28
N LYS B 148 29.65 -20.96 20.30
CA LYS B 148 28.96 -22.15 20.84
CA LYS B 148 28.96 -22.14 20.86
C LYS B 148 27.50 -21.83 21.17
C LYS B 148 27.51 -21.84 21.18
N PRO B 149 27.16 -20.70 21.82
CA PRO B 149 25.75 -20.42 22.13
C PRO B 149 24.87 -20.30 20.87
N ILE B 150 25.47 -19.86 19.76
CA ILE B 150 24.72 -19.68 18.49
C ILE B 150 24.57 -21.03 17.79
N ILE B 151 25.61 -21.88 17.82
CA ILE B 151 25.45 -23.27 17.29
C ILE B 151 24.26 -23.90 18.02
N SER B 152 24.24 -23.76 19.34
N SER B 152 24.23 -23.77 19.35
CA SER B 152 23.13 -24.33 20.15
CA SER B 152 23.12 -24.34 20.16
C SER B 152 21.78 -23.72 19.75
C SER B 152 21.77 -23.72 19.76
N ALA B 153 21.72 -22.39 19.62
CA ALA B 153 20.46 -21.71 19.24
C ALA B 153 19.96 -22.23 17.88
N TYR B 154 20.89 -22.46 16.95
CA TYR B 154 20.51 -22.92 15.58
C TYR B 154 19.84 -24.30 15.59
N GLU B 155 19.88 -25.01 16.71
N GLU B 155 19.88 -25.01 16.72
CA GLU B 155 19.16 -26.32 16.75
CA GLU B 155 19.16 -26.31 16.81
C GLU B 155 17.64 -26.08 16.61
C GLU B 155 17.66 -26.06 16.58
N HIS B 156 17.19 -24.84 16.87
CA HIS B 156 15.73 -24.54 16.82
C HIS B 156 15.33 -23.90 15.49
N GLY B 157 16.30 -23.72 14.59
CA GLY B 157 15.97 -23.18 13.26
C GLY B 157 16.70 -21.91 12.93
N GLY B 158 16.74 -21.63 11.64
CA GLY B 158 17.30 -20.37 11.15
C GLY B 158 17.83 -20.52 9.76
N ASN B 159 18.38 -19.43 9.24
CA ASN B 159 18.88 -19.40 7.86
C ASN B 159 20.35 -18.99 7.88
N PRO B 160 21.26 -19.91 8.29
CA PRO B 160 22.66 -19.56 8.45
C PRO B 160 23.35 -19.11 7.14
N SER B 161 22.79 -19.50 5.99
CA SER B 161 23.38 -19.08 4.69
C SER B 161 23.30 -17.55 4.53
N LEU B 162 22.47 -16.89 5.33
CA LEU B 162 22.30 -15.42 5.22
C LEU B 162 23.27 -14.69 6.13
N ASP B 163 23.91 -15.41 7.06
CA ASP B 163 24.86 -14.77 8.00
C ASP B 163 26.00 -14.12 7.21
N GLY B 164 26.29 -12.87 7.51
CA GLY B 164 27.37 -12.12 6.86
C GLY B 164 26.92 -11.37 5.62
N GLY B 165 25.75 -11.69 5.06
CA GLY B 165 25.26 -11.09 3.80
C GLY B 165 24.15 -10.07 3.98
N TYR B 166 23.53 -10.04 5.15
CA TYR B 166 22.33 -9.22 5.42
C TYR B 166 22.40 -8.70 6.84
N THR B 167 21.98 -7.47 7.04
CA THR B 167 21.96 -6.91 8.41
C THR B 167 20.87 -7.55 9.28
N VAL B 168 21.29 -8.07 10.43
CA VAL B 168 20.33 -8.49 11.48
C VAL B 168 20.17 -7.30 12.43
N PHE B 169 18.95 -6.89 12.73
CA PHE B 169 18.78 -5.69 13.60
C PHE B 169 17.69 -5.87 14.66
N GLY B 170 17.10 -7.06 14.76
CA GLY B 170 16.09 -7.27 15.80
C GLY B 170 15.80 -8.75 16.03
N GLN B 171 14.91 -8.98 16.98
CA GLN B 171 14.54 -10.36 17.37
C GLN B 171 13.10 -10.40 17.87
N VAL B 172 12.33 -11.37 17.40
CA VAL B 172 10.97 -11.58 17.95
C VAL B 172 11.07 -12.05 19.40
N ILE B 173 10.39 -11.35 20.30
CA ILE B 173 10.37 -11.76 21.74
C ILE B 173 8.96 -12.16 22.17
N ASP B 174 7.95 -11.95 21.33
CA ASP B 174 6.59 -12.46 21.61
C ASP B 174 5.87 -12.54 20.26
N GLY B 175 4.98 -13.50 20.09
CA GLY B 175 4.24 -13.60 18.83
C GLY B 175 4.93 -14.44 17.76
N ASP B 177 4.30 -17.35 17.38
CA ASP B 177 3.19 -18.13 16.86
C ASP B 177 2.53 -17.42 15.66
N VAL B 178 2.45 -16.09 15.70
CA VAL B 178 1.87 -15.28 14.58
C VAL B 178 2.77 -15.41 13.35
N VAL B 179 4.07 -15.32 13.56
CA VAL B 179 5.01 -15.52 12.43
C VAL B 179 4.75 -16.88 11.77
N ASP B 180 4.60 -17.92 12.58
CA ASP B 180 4.34 -19.27 12.04
C ASP B 180 2.98 -19.34 11.35
N LYS B 181 1.96 -18.68 11.90
CA LYS B 181 0.60 -18.64 11.29
C LYS B 181 0.70 -18.01 9.90
N ILE B 182 1.46 -16.93 9.81
CA ILE B 182 1.63 -16.27 8.48
C ILE B 182 2.36 -17.22 7.54
N ALA B 183 3.45 -17.82 7.98
CA ALA B 183 4.23 -18.73 7.12
C ALA B 183 3.37 -19.92 6.68
N ALA B 184 2.47 -20.39 7.55
CA ALA B 184 1.64 -21.58 7.22
C ALA B 184 0.78 -21.32 5.98
N THR B 185 0.47 -20.06 5.67
CA THR B 185 -0.39 -19.76 4.49
C THR B 185 0.31 -20.18 3.18
N SER B 186 1.61 -20.45 3.19
CA SER B 186 2.31 -20.89 1.96
C SER B 186 2.15 -22.41 1.76
N ILE B 187 1.77 -23.15 2.81
CA ILE B 187 1.61 -24.63 2.73
C ILE B 187 0.28 -24.95 2.04
N ASN B 188 0.33 -25.78 0.99
CA ASN B 188 -0.90 -26.21 0.26
C ASN B 188 -1.74 -24.96 -0.07
N GLN B 189 -1.07 -23.88 -0.50
CA GLN B 189 -1.73 -22.58 -0.77
C GLN B 189 -2.69 -22.74 -1.95
N ASN B 190 -2.45 -23.74 -2.81
CA ASN B 190 -3.33 -24.02 -3.98
C ASN B 190 -4.69 -24.53 -3.49
N ASP B 191 -4.78 -25.01 -2.24
CA ASP B 191 -6.02 -25.59 -1.66
C ASP B 191 -6.62 -24.65 -0.60
N LYS B 192 -6.05 -23.45 -0.42
CA LYS B 192 -6.52 -22.49 0.61
C LYS B 192 -7.03 -21.22 -0.06
N PRO B 193 -7.86 -20.41 0.64
CA PRO B 193 -8.35 -19.16 0.07
C PRO B 193 -7.22 -18.16 -0.17
N GLU B 194 -7.40 -17.33 -1.18
CA GLU B 194 -6.44 -16.25 -1.47
C GLU B 194 -6.38 -15.38 -0.22
N GLN B 195 -5.19 -14.94 0.16
CA GLN B 195 -5.06 -14.15 1.39
C GLN B 195 -3.85 -13.23 1.29
N ASP B 196 -4.08 -11.94 1.50
CA ASP B 196 -2.97 -10.97 1.65
C ASP B 196 -2.85 -10.68 3.14
N ILE B 197 -1.69 -10.95 3.72
CA ILE B 197 -1.45 -10.62 5.14
C ILE B 197 -0.85 -9.22 5.17
N THR B 198 -1.41 -8.35 6.00
CA THR B 198 -0.93 -6.95 6.06
C THR B 198 -0.45 -6.58 7.46
N ILE B 199 0.45 -5.60 7.48
CA ILE B 199 0.80 -4.87 8.72
C ILE B 199 -0.28 -3.81 8.94
N THR B 200 -0.84 -3.74 10.13
CA THR B 200 -1.82 -2.70 10.51
C THR B 200 -1.07 -1.45 10.98
N SER B 201 -0.21 -1.65 11.98
CA SER B 201 0.61 -0.56 12.54
C SER B 201 1.83 -1.14 13.26
N ILE B 202 2.81 -0.29 13.54
CA ILE B 202 4.01 -0.65 14.33
C ILE B 202 4.10 0.37 15.44
N ASP B 203 3.83 -0.07 16.67
CA ASP B 203 3.79 0.79 17.87
C ASP B 203 5.16 0.76 18.53
N ILE B 204 5.73 1.93 18.82
CA ILE B 204 7.04 1.99 19.51
C ILE B 204 6.78 2.01 21.02
N VAL B 205 7.16 0.91 21.67
CA VAL B 205 7.00 0.76 23.14
C VAL B 205 8.22 1.38 23.82
N LYS B 206 9.41 1.08 23.32
CA LYS B 206 10.65 1.69 23.85
C LYS B 206 11.45 2.22 22.66
N ASP B 207 11.61 3.54 22.59
CA ASP B 207 12.30 4.20 21.46
C ASP B 207 13.81 4.24 21.77
N TYR B 208 14.57 4.87 20.87
N TYR B 208 14.63 4.80 20.87
CA TYR B 208 16.02 5.00 21.09
CA TYR B 208 16.10 4.91 21.06
C TYR B 208 16.48 6.31 20.46
C TYR B 208 16.62 6.20 20.41
N ARG B 209 17.46 6.96 21.11
CA ARG B 209 17.98 8.25 20.61
C ARG B 209 19.27 8.04 19.83
N PHE B 210 19.31 8.55 18.59
CA PHE B 210 20.49 8.53 17.69
C PHE B 210 21.15 9.92 17.78
N LYS B 211 22.31 10.01 18.42
CA LYS B 211 23.01 11.29 18.74
C LYS B 211 24.34 11.41 17.99
N ASN B 212 24.72 10.41 17.20
CA ASN B 212 25.99 10.43 16.41
C ASN B 212 26.96 11.45 17.01
#